data_5QBE
#
_entry.id   5QBE
#
_cell.length_a   44.892
_cell.length_b   72.708
_cell.length_c   52.032
_cell.angle_alpha   90.000
_cell.angle_beta   108.690
_cell.angle_gamma   90.000
#
_symmetry.space_group_name_H-M   'P 1 21 1'
#
loop_
_entity.id
_entity.type
_entity.pdbx_description
1 polymer Endothiapepsin
2 non-polymer GLYCEROL
3 non-polymer 'ACETATE ION'
4 non-polymer 1-[(1R)-1-cyclohexyl-2-(methylamino)-2-oxoethyl]-L-proline
5 water water
#
_entity_poly.entity_id   1
_entity_poly.type   'polypeptide(L)'
_entity_poly.pdbx_seq_one_letter_code
;STGSATTTPIDSLDDAYITPVQIGTPAQTLNLDFDTGSSDLWVFSSETTASEVDGQTIYTPSKSTTAKLLSGATWSISYG
DGSSSSGDVYTDTVSVGGLTVTGQAVESAKKVSSSFTEDSTIDGLLGLAFSTLNTVSPTQQKTFFDNAKASLDSPVFTAD
LGYHAPGTYNFGFIDTTAYTGSITYTAVSTKQGFWEWTSTGYAVGSGTFKSTSIDGIADTGTTLLYLPATVVSAYWAQVS
GAKSSSSVGGYVFPCSATLPSFTFGVGSARIVIPGDYIDFGPISTGSSSCFGGIQSSAGIGINIFGDVALKAAFVVFNGA
TTPTLGFASK
;
_entity_poly.pdbx_strand_id   A
#
loop_
_chem_comp.id
_chem_comp.type
_chem_comp.name
_chem_comp.formula
ACT non-polymer 'ACETATE ION' 'C2 H3 O2 -1'
D8D non-polymer 1-[(1R)-1-cyclohexyl-2-(methylamino)-2-oxoethyl]-L-proline 'C14 H24 N2 O3'
GOL non-polymer GLYCEROL 'C3 H8 O3'
#
# COMPACT_ATOMS: atom_id res chain seq x y z
N SER A 1 6.21 20.79 10.79
CA SER A 1 4.80 20.47 10.54
C SER A 1 4.52 18.99 10.70
N THR A 2 3.23 18.66 10.82
CA THR A 2 2.76 17.28 10.84
C THR A 2 1.43 17.16 10.11
N GLY A 3 1.05 15.93 9.77
CA GLY A 3 -0.26 15.65 9.23
C GLY A 3 -0.79 14.36 9.80
N SER A 4 -2.10 14.22 9.86
CA SER A 4 -2.72 12.99 10.35
C SER A 4 -4.06 12.78 9.67
N ALA A 5 -4.19 11.66 8.95
CA ALA A 5 -5.41 11.39 8.20
C ALA A 5 -5.88 9.97 8.43
N THR A 6 -7.20 9.81 8.50
CA THR A 6 -7.80 8.49 8.64
C THR A 6 -7.89 7.80 7.31
N THR A 7 -7.55 6.51 7.29
CA THR A 7 -7.67 5.71 6.09
C THR A 7 -8.72 4.62 6.34
N THR A 8 -9.54 4.35 5.31
CA THR A 8 -10.76 3.55 5.48
C THR A 8 -10.82 2.45 4.43
N PRO A 9 -11.09 1.19 4.86
CA PRO A 9 -11.25 0.10 3.90
CA PRO A 9 -11.24 0.12 3.88
C PRO A 9 -12.34 0.42 2.88
N ILE A 10 -12.12 0.09 1.62
CA ILE A 10 -13.12 0.37 0.59
C ILE A 10 -14.28 -0.63 0.61
N ASP A 11 -14.11 -1.75 1.29
CA ASP A 11 -15.14 -2.77 1.36
C ASP A 11 -14.94 -3.66 2.57
N SER A 12 -15.80 -4.67 2.72
CA SER A 12 -15.82 -5.48 3.93
C SER A 12 -14.64 -6.46 4.03
N LEU A 13 -13.83 -6.53 2.98
CA LEU A 13 -12.69 -7.44 2.95
C LEU A 13 -11.35 -6.74 3.09
N ASP A 14 -11.36 -5.41 3.25
CA ASP A 14 -10.13 -4.62 3.21
C ASP A 14 -9.37 -4.80 1.90
N ASP A 15 -10.06 -4.77 0.77
CA ASP A 15 -9.37 -4.99 -0.50
C ASP A 15 -8.40 -3.85 -0.82
N ALA A 16 -8.71 -2.67 -0.30
CA ALA A 16 -7.82 -1.52 -0.35
C ALA A 16 -8.30 -0.50 0.68
N TYR A 17 -7.52 0.55 0.87
CA TYR A 17 -7.84 1.61 1.82
C TYR A 17 -7.81 2.95 1.12
N ILE A 18 -8.78 3.82 1.41
CA ILE A 18 -8.77 5.15 0.82
C ILE A 18 -8.63 6.24 1.88
N THR A 19 -7.94 7.30 1.50
CA THR A 19 -7.61 8.39 2.41
C THR A 19 -7.98 9.70 1.73
N PRO A 20 -8.73 10.57 2.44
CA PRO A 20 -9.12 11.82 1.79
C PRO A 20 -7.94 12.77 1.59
N VAL A 21 -7.86 13.38 0.41
CA VAL A 21 -6.76 14.28 0.07
C VAL A 21 -7.34 15.55 -0.54
N GLN A 22 -6.89 16.70 -0.05
CA GLN A 22 -7.36 18.00 -0.56
C GLN A 22 -6.47 18.52 -1.68
N ILE A 23 -7.04 18.77 -2.85
CA ILE A 23 -6.25 19.24 -3.98
C ILE A 23 -6.81 20.55 -4.53
N GLY A 24 -5.96 21.56 -4.66
CA GLY A 24 -6.37 22.79 -5.30
C GLY A 24 -7.02 23.83 -4.38
N THR A 25 -7.40 24.95 -4.98
CA THR A 25 -7.98 26.09 -4.27
C THR A 25 -9.18 26.61 -5.07
N PRO A 26 -10.40 26.55 -4.49
CA PRO A 26 -10.80 25.94 -3.22
C PRO A 26 -10.53 24.44 -3.25
N ALA A 27 -10.45 23.82 -2.08
CA ALA A 27 -10.10 22.40 -2.03
C ALA A 27 -11.06 21.52 -2.81
N GLN A 28 -10.49 20.57 -3.53
CA GLN A 28 -11.23 19.47 -4.11
C GLN A 28 -10.79 18.21 -3.39
N THR A 29 -11.70 17.54 -2.69
CA THR A 29 -11.32 16.37 -1.90
C THR A 29 -11.56 15.10 -2.68
N LEU A 30 -10.48 14.36 -2.90
CA LEU A 30 -10.51 13.07 -3.57
C LEU A 30 -10.05 11.99 -2.62
N ASN A 31 -10.59 10.78 -2.78
CA ASN A 31 -10.21 9.67 -1.93
C ASN A 31 -9.16 8.85 -2.64
N LEU A 32 -7.94 8.90 -2.15
CA LEU A 32 -6.81 8.27 -2.84
C LEU A 32 -6.31 7.05 -2.11
N ASP A 33 -5.75 6.13 -2.90
CA ASP A 33 -5.13 4.90 -2.42
C ASP A 33 -3.66 5.19 -2.13
N PHE A 34 -3.28 5.31 -0.85
CA PHE A 34 -1.89 5.57 -0.46
C PHE A 34 -1.06 4.31 -0.71
N ASP A 35 -0.03 4.44 -1.54
CA ASP A 35 0.68 3.27 -2.05
C ASP A 35 2.18 3.36 -1.84
N THR A 36 2.71 2.67 -0.83
CA THR A 36 4.15 2.73 -0.58
C THR A 36 4.95 1.89 -1.58
N GLY A 37 4.26 1.28 -2.55
CA GLY A 37 4.91 0.54 -3.62
C GLY A 37 4.99 1.26 -4.96
N SER A 38 4.59 2.53 -5.00
CA SER A 38 4.75 3.34 -6.21
C SER A 38 4.96 4.81 -5.84
N SER A 39 5.20 5.64 -6.85
CA SER A 39 5.70 6.98 -6.58
C SER A 39 5.04 8.05 -7.42
N ASP A 40 3.85 7.76 -7.95
CA ASP A 40 3.06 8.76 -8.67
C ASP A 40 1.82 9.14 -7.88
N LEU A 41 1.51 10.43 -7.85
CA LEU A 41 0.23 10.90 -7.36
C LEU A 41 -0.62 11.18 -8.58
N TRP A 42 -1.57 10.30 -8.89
CA TRP A 42 -2.42 10.54 -10.05
C TRP A 42 -3.90 10.46 -9.66
N VAL A 43 -4.72 11.16 -10.43
CA VAL A 43 -6.13 11.32 -10.10
C VAL A 43 -7.02 11.22 -11.33
N PHE A 44 -8.22 10.67 -11.13
CA PHE A 44 -9.29 10.85 -12.11
C PHE A 44 -9.51 12.34 -12.25
N SER A 45 -9.81 12.80 -13.46
CA SER A 45 -9.88 14.23 -13.68
C SER A 45 -10.89 14.59 -14.78
N SER A 46 -11.06 15.90 -14.99
CA SER A 46 -11.90 16.39 -16.06
C SER A 46 -11.35 16.02 -17.43
N GLU A 47 -10.13 15.49 -17.46
CA GLU A 47 -9.47 15.09 -18.70
C GLU A 47 -9.61 13.61 -19.00
N THR A 48 -10.09 12.85 -18.02
CA THR A 48 -10.21 11.41 -18.19
C THR A 48 -11.31 11.08 -19.18
N THR A 49 -11.00 10.21 -20.15
CA THR A 49 -11.97 9.74 -21.13
C THR A 49 -13.29 9.36 -20.45
N ALA A 50 -14.38 9.98 -20.91
CA ALA A 50 -15.68 9.89 -20.24
C ALA A 50 -16.16 8.46 -20.01
N SER A 51 -15.95 7.59 -20.98
CA SER A 51 -16.38 6.21 -20.88
C SER A 51 -15.54 5.39 -19.89
N GLU A 52 -14.50 6.01 -19.35
CA GLU A 52 -13.63 5.31 -18.40
C GLU A 52 -13.82 5.83 -16.98
N VAL A 53 -14.76 6.76 -16.81
CA VAL A 53 -15.13 7.25 -15.49
C VAL A 53 -16.50 6.70 -15.09
N ASP A 54 -16.58 6.05 -13.93
CA ASP A 54 -17.84 5.46 -13.46
C ASP A 54 -18.01 5.63 -11.96
N GLY A 55 -18.38 6.83 -11.54
CA GLY A 55 -18.69 7.10 -10.14
C GLY A 55 -17.58 7.78 -9.35
N GLN A 56 -16.37 7.84 -9.91
CA GLN A 56 -15.27 8.47 -9.20
C GLN A 56 -15.47 9.96 -9.08
N THR A 57 -14.89 10.55 -8.04
CA THR A 57 -14.76 12.00 -7.94
C THR A 57 -13.56 12.44 -8.75
N ILE A 58 -13.72 13.49 -9.55
CA ILE A 58 -12.66 13.96 -10.42
C ILE A 58 -12.05 15.28 -9.97
N TYR A 59 -10.78 15.45 -10.29
CA TYR A 59 -10.07 16.72 -10.12
C TYR A 59 -10.25 17.56 -11.37
N THR A 60 -10.68 18.80 -11.21
CA THR A 60 -10.85 19.71 -12.32
C THR A 60 -9.89 20.88 -12.16
N PRO A 61 -8.74 20.83 -12.86
CA PRO A 61 -7.75 21.89 -12.63
C PRO A 61 -8.24 23.29 -13.03
N SER A 62 -9.15 23.38 -13.98
CA SER A 62 -9.65 24.68 -14.42
C SER A 62 -10.44 25.40 -13.31
N LYS A 63 -10.82 24.66 -12.27
CA LYS A 63 -11.56 25.23 -11.16
C LYS A 63 -10.66 25.55 -9.97
N SER A 64 -9.36 25.29 -10.12
CA SER A 64 -8.40 25.56 -9.06
C SER A 64 -7.55 26.78 -9.41
N THR A 65 -7.59 27.79 -8.55
CA THR A 65 -6.85 29.02 -8.80
C THR A 65 -5.34 28.84 -8.60
N THR A 66 -4.94 27.73 -8.00
CA THR A 66 -3.53 27.46 -7.77
C THR A 66 -2.96 26.39 -8.70
N ALA A 67 -3.81 25.82 -9.56
CA ALA A 67 -3.34 24.84 -10.54
C ALA A 67 -2.51 25.51 -11.64
N LYS A 68 -1.42 24.85 -12.03
CA LYS A 68 -0.61 25.29 -13.16
C LYS A 68 -0.24 24.07 -13.99
N LEU A 69 -0.41 24.16 -15.30
CA LEU A 69 0.05 23.09 -16.17
C LEU A 69 1.57 22.92 -16.03
N LEU A 70 2.03 21.69 -15.83
CA LEU A 70 3.45 21.41 -15.92
C LEU A 70 3.72 21.10 -17.39
N SER A 71 4.11 22.14 -18.12
CA SER A 71 4.07 22.10 -19.58
C SER A 71 4.97 21.05 -20.19
N GLY A 72 4.39 20.18 -21.01
CA GLY A 72 5.13 19.15 -21.71
C GLY A 72 5.31 17.85 -20.95
N ALA A 73 4.95 17.84 -19.67
CA ALA A 73 5.13 16.66 -18.85
C ALA A 73 4.02 15.65 -19.08
N THR A 74 4.39 14.38 -19.21
CA THR A 74 3.40 13.31 -19.30
C THR A 74 3.81 12.20 -18.36
N TRP A 75 2.90 11.25 -18.14
CA TRP A 75 3.17 10.13 -17.25
C TRP A 75 2.45 8.90 -17.76
N SER A 76 2.96 7.74 -17.39
CA SER A 76 2.37 6.49 -17.80
C SER A 76 2.87 5.41 -16.86
N ILE A 77 1.94 4.69 -16.26
CA ILE A 77 2.31 3.70 -15.27
C ILE A 77 1.51 2.42 -15.43
N SER A 78 2.14 1.31 -15.09
CA SER A 78 1.43 0.04 -15.01
C SER A 78 1.84 -0.64 -13.72
N TYR A 79 0.88 -1.25 -13.05
CA TYR A 79 1.11 -1.83 -11.74
C TYR A 79 1.22 -3.33 -11.81
N GLY A 80 1.51 -3.95 -10.67
CA GLY A 80 1.75 -5.38 -10.60
C GLY A 80 0.56 -6.26 -10.96
N ASP A 81 -0.64 -5.70 -10.85
CA ASP A 81 -1.84 -6.47 -11.16
C ASP A 81 -2.22 -6.32 -12.63
N GLY A 82 -1.42 -5.56 -13.38
CA GLY A 82 -1.66 -5.40 -14.81
C GLY A 82 -2.50 -4.19 -15.14
N SER A 83 -2.90 -3.44 -14.11
CA SER A 83 -3.67 -2.23 -14.34
C SER A 83 -2.74 -1.10 -14.78
N SER A 84 -3.30 -0.05 -15.36
CA SER A 84 -2.50 1.05 -15.89
C SER A 84 -3.27 2.36 -16.00
N SER A 85 -2.53 3.45 -16.14
CA SER A 85 -3.11 4.76 -16.35
C SER A 85 -2.06 5.70 -16.93
N SER A 86 -2.49 6.78 -17.56
CA SER A 86 -1.58 7.75 -18.14
C SER A 86 -2.27 9.09 -18.38
N GLY A 87 -1.47 10.14 -18.58
CA GLY A 87 -2.02 11.44 -18.87
C GLY A 87 -0.99 12.54 -18.79
N ASP A 88 -1.44 13.75 -18.44
CA ASP A 88 -0.53 14.88 -18.30
C ASP A 88 -0.44 15.34 -16.85
N VAL A 89 0.21 16.48 -16.62
CA VAL A 89 0.57 16.85 -15.25
C VAL A 89 0.32 18.33 -14.96
N TYR A 90 -0.21 18.58 -13.76
CA TYR A 90 -0.36 19.93 -13.21
C TYR A 90 0.43 19.99 -11.93
N THR A 91 0.79 21.19 -11.50
CA THR A 91 1.22 21.36 -10.12
C THR A 91 0.09 22.06 -9.38
N ASP A 92 -0.10 21.71 -8.13
CA ASP A 92 -1.14 22.36 -7.31
C ASP A 92 -0.84 22.16 -5.85
N THR A 93 -1.64 22.79 -5.01
CA THR A 93 -1.53 22.65 -3.58
C THR A 93 -2.26 21.39 -3.14
N VAL A 94 -1.56 20.53 -2.39
CA VAL A 94 -2.10 19.26 -1.94
C VAL A 94 -1.95 19.15 -0.43
N SER A 95 -3.04 18.85 0.28
CA SER A 95 -3.00 18.70 1.71
C SER A 95 -3.51 17.33 2.13
N VAL A 96 -2.82 16.74 3.10
CA VAL A 96 -3.21 15.47 3.70
C VAL A 96 -3.27 15.62 5.20
N GLY A 97 -4.45 15.49 5.79
CA GLY A 97 -4.59 15.51 7.23
C GLY A 97 -4.00 16.75 7.89
N GLY A 98 -4.12 17.89 7.22
CA GLY A 98 -3.60 19.14 7.76
C GLY A 98 -2.20 19.53 7.30
N LEU A 99 -1.50 18.61 6.65
CA LEU A 99 -0.15 18.87 6.13
C LEU A 99 -0.23 19.32 4.68
N THR A 100 0.33 20.50 4.38
CA THR A 100 0.17 21.10 3.07
C THR A 100 1.49 21.17 2.29
N VAL A 101 1.44 20.74 1.04
CA VAL A 101 2.56 20.88 0.12
C VAL A 101 2.15 21.75 -1.06
N THR A 102 2.89 22.83 -1.30
CA THR A 102 2.64 23.62 -2.50
C THR A 102 3.50 23.11 -3.65
N GLY A 103 3.00 23.27 -4.88
CA GLY A 103 3.75 22.86 -6.06
C GLY A 103 3.88 21.36 -6.23
N GLN A 104 2.96 20.59 -5.65
CA GLN A 104 2.96 19.14 -5.80
C GLN A 104 2.57 18.74 -7.22
N ALA A 105 3.31 17.83 -7.83
CA ALA A 105 2.90 17.30 -9.12
C ALA A 105 1.63 16.45 -8.95
N VAL A 106 0.57 16.87 -9.62
CA VAL A 106 -0.70 16.14 -9.62
C VAL A 106 -0.92 15.63 -11.03
N GLU A 107 -0.84 14.32 -11.18
CA GLU A 107 -0.84 13.72 -12.50
C GLU A 107 -2.28 13.42 -12.90
N SER A 108 -2.75 14.09 -13.95
CA SER A 108 -4.15 13.99 -14.36
C SER A 108 -4.32 12.87 -15.37
N ALA A 109 -5.20 11.92 -15.08
CA ALA A 109 -5.36 10.79 -15.98
C ALA A 109 -6.18 11.17 -17.20
N LYS A 110 -5.65 10.84 -18.39
CA LYS A 110 -6.44 10.92 -19.61
C LYS A 110 -7.02 9.53 -19.93
N LYS A 111 -6.29 8.49 -19.52
CA LYS A 111 -6.72 7.11 -19.71
C LYS A 111 -6.47 6.31 -18.44
N VAL A 112 -7.38 5.40 -18.10
CA VAL A 112 -7.19 4.44 -17.01
C VAL A 112 -7.66 3.06 -17.47
N SER A 113 -7.07 1.99 -16.93
CA SER A 113 -7.50 0.66 -17.31
C SER A 113 -8.82 0.29 -16.64
N SER A 114 -9.42 -0.79 -17.10
CA SER A 114 -10.77 -1.16 -16.68
C SER A 114 -10.89 -1.38 -15.18
N SER A 115 -9.85 -1.91 -14.55
CA SER A 115 -9.91 -2.19 -13.12
C SER A 115 -10.07 -0.90 -12.30
N PHE A 116 -9.49 0.20 -12.77
CA PHE A 116 -9.67 1.46 -12.09
C PHE A 116 -11.09 1.99 -12.32
N THR A 117 -11.55 1.95 -13.57
CA THR A 117 -12.90 2.36 -13.91
C THR A 117 -13.95 1.63 -13.07
N GLU A 118 -13.75 0.33 -12.93
CA GLU A 118 -14.71 -0.53 -12.24
C GLU A 118 -14.76 -0.32 -10.74
N ASP A 119 -13.77 0.39 -10.20
CA ASP A 119 -13.73 0.66 -8.77
C ASP A 119 -14.10 2.10 -8.47
N SER A 120 -15.39 2.31 -8.18
CA SER A 120 -15.91 3.66 -7.99
C SER A 120 -15.39 4.33 -6.73
N THR A 121 -14.79 3.55 -5.82
CA THR A 121 -14.41 4.09 -4.52
C THR A 121 -13.02 4.71 -4.51
N ILE A 122 -12.21 4.44 -5.53
CA ILE A 122 -10.84 4.96 -5.56
C ILE A 122 -10.68 6.03 -6.64
N ASP A 123 -10.36 7.25 -6.22
CA ASP A 123 -10.28 8.40 -7.12
C ASP A 123 -8.89 8.63 -7.68
N GLY A 124 -7.94 7.83 -7.24
CA GLY A 124 -6.56 7.95 -7.69
C GLY A 124 -5.61 7.32 -6.70
N LEU A 125 -4.31 7.46 -6.96
CA LEU A 125 -3.28 6.90 -6.09
C LEU A 125 -2.38 8.01 -5.57
N LEU A 126 -1.86 7.82 -4.37
CA LEU A 126 -0.82 8.72 -3.86
C LEU A 126 0.39 7.88 -3.51
N GLY A 127 1.42 7.96 -4.35
CA GLY A 127 2.61 7.14 -4.20
C GLY A 127 3.52 7.59 -3.07
N LEU A 128 4.06 6.62 -2.34
CA LEU A 128 4.91 6.91 -1.18
C LEU A 128 6.18 6.07 -1.19
N ALA A 129 6.50 5.47 -2.33
CA ALA A 129 7.81 4.85 -2.49
C ALA A 129 8.82 5.95 -2.83
N PHE A 130 10.03 5.59 -3.24
CA PHE A 130 11.04 6.61 -3.47
C PHE A 130 10.84 7.29 -4.81
N SER A 131 11.18 8.58 -4.89
CA SER A 131 10.83 9.38 -6.06
C SER A 131 11.53 8.90 -7.33
N THR A 132 12.57 8.10 -7.19
CA THR A 132 13.27 7.55 -8.34
C THR A 132 12.37 6.65 -9.20
N LEU A 133 11.24 6.21 -8.65
CA LEU A 133 10.27 5.42 -9.39
C LEU A 133 9.20 6.27 -10.09
N ASN A 134 9.21 7.58 -9.88
CA ASN A 134 8.16 8.41 -10.44
C ASN A 134 8.23 8.40 -11.97
N THR A 135 7.08 8.27 -12.64
CA THR A 135 7.09 8.08 -14.10
C THR A 135 6.98 9.36 -14.95
N VAL A 136 6.95 10.54 -14.33
CA VAL A 136 6.78 11.75 -15.12
C VAL A 136 7.99 11.99 -16.03
N SER A 137 7.71 12.33 -17.28
CA SER A 137 8.74 12.56 -18.29
C SER A 137 8.43 13.89 -18.98
N PRO A 138 9.46 14.67 -19.34
CA PRO A 138 10.90 14.37 -19.25
C PRO A 138 11.54 14.79 -17.92
N THR A 139 10.76 15.35 -17.00
CA THR A 139 11.28 15.80 -15.72
C THR A 139 10.61 15.02 -14.60
N GLN A 140 11.34 14.07 -14.02
CA GLN A 140 10.81 13.24 -12.95
C GLN A 140 10.39 14.10 -11.76
N GLN A 141 9.28 13.72 -11.12
CA GLN A 141 8.72 14.51 -10.04
C GLN A 141 8.84 13.82 -8.68
N LYS A 142 8.77 14.61 -7.62
CA LYS A 142 8.88 14.13 -6.25
C LYS A 142 7.53 13.69 -5.69
N THR A 143 7.55 12.70 -4.80
CA THR A 143 6.34 12.28 -4.09
C THR A 143 5.91 13.36 -3.11
N PHE A 144 4.67 13.22 -2.64
CA PHE A 144 4.14 14.10 -1.61
C PHE A 144 5.06 14.09 -0.38
N PHE A 145 5.52 12.90 0.01
CA PHE A 145 6.36 12.76 1.19
C PHE A 145 7.70 13.44 0.98
N ASP A 146 8.32 13.23 -0.18
N ASP A 146 8.30 13.22 -0.19
CA ASP A 146 9.61 13.86 -0.45
CA ASP A 146 9.59 13.82 -0.54
C ASP A 146 9.50 15.38 -0.44
C ASP A 146 9.50 15.34 -0.47
N ASN A 147 8.43 15.90 -1.02
CA ASN A 147 8.22 17.34 -1.01
C ASN A 147 7.99 17.88 0.41
N ALA A 148 7.31 17.10 1.23
CA ALA A 148 6.96 17.54 2.58
C ALA A 148 8.11 17.41 3.57
N LYS A 149 9.07 16.54 3.25
CA LYS A 149 10.04 16.03 4.22
C LYS A 149 10.81 17.10 5.01
N ALA A 150 11.26 18.14 4.32
CA ALA A 150 12.08 19.16 4.96
C ALA A 150 11.28 19.96 5.99
N SER A 151 9.97 20.05 5.77
CA SER A 151 9.11 20.84 6.64
CA SER A 151 9.11 20.85 6.65
C SER A 151 8.57 20.03 7.82
N LEU A 152 8.62 18.71 7.70
CA LEU A 152 8.12 17.83 8.75
C LEU A 152 8.96 17.92 10.02
N ASP A 153 8.32 17.76 11.18
CA ASP A 153 9.05 17.75 12.45
C ASP A 153 10.15 16.67 12.42
N SER A 154 9.78 15.52 11.87
CA SER A 154 10.69 14.40 11.69
CA SER A 154 10.71 14.41 11.67
C SER A 154 10.43 13.83 10.29
N PRO A 155 11.49 13.43 9.56
CA PRO A 155 11.32 12.95 8.19
C PRO A 155 10.75 11.53 8.10
N VAL A 156 9.53 11.34 8.58
CA VAL A 156 8.93 10.02 8.69
C VAL A 156 7.44 10.06 8.34
N PHE A 157 6.89 8.92 7.95
CA PHE A 157 5.45 8.76 7.99
C PHE A 157 5.14 7.36 8.52
N THR A 158 3.94 7.18 9.08
CA THR A 158 3.60 5.89 9.65
C THR A 158 2.28 5.39 9.09
N ALA A 159 2.17 4.07 8.99
CA ALA A 159 0.97 3.40 8.49
C ALA A 159 0.43 2.52 9.59
N ASP A 160 -0.82 2.78 9.96
CA ASP A 160 -1.49 2.04 11.01
C ASP A 160 -2.83 1.55 10.47
N LEU A 161 -2.78 0.50 9.65
CA LEU A 161 -3.97 0.01 8.96
C LEU A 161 -4.81 -0.85 9.87
N GLY A 162 -6.12 -0.69 9.77
CA GLY A 162 -7.04 -1.46 10.59
C GLY A 162 -7.48 -2.75 9.94
N TYR A 163 -7.85 -3.73 10.76
CA TYR A 163 -8.46 -4.95 10.27
C TYR A 163 -9.98 -4.77 10.28
N HIS A 164 -10.57 -4.73 9.08
CA HIS A 164 -12.01 -4.51 8.93
C HIS A 164 -12.45 -3.26 9.70
N ALA A 165 -11.59 -2.24 9.70
CA ALA A 165 -11.81 -1.02 10.46
C ALA A 165 -10.89 0.07 9.92
N PRO A 166 -11.24 1.34 10.16
CA PRO A 166 -10.36 2.42 9.74
C PRO A 166 -9.02 2.43 10.48
N GLY A 167 -8.04 3.09 9.88
CA GLY A 167 -6.73 3.25 10.47
C GLY A 167 -6.22 4.66 10.22
N THR A 168 -4.91 4.85 10.31
CA THR A 168 -4.32 6.17 10.31
C THR A 168 -3.01 6.22 9.55
N TYR A 169 -2.85 7.27 8.73
CA TYR A 169 -1.55 7.65 8.19
C TYR A 169 -1.11 8.93 8.88
N ASN A 170 0.04 8.90 9.55
CA ASN A 170 0.62 10.11 10.13
C ASN A 170 1.86 10.54 9.38
N PHE A 171 2.09 11.85 9.33
CA PHE A 171 3.27 12.41 8.71
C PHE A 171 4.01 13.31 9.70
N GLY A 172 5.31 13.05 9.86
CA GLY A 172 6.16 13.93 10.64
C GLY A 172 6.29 13.61 12.13
N PHE A 173 5.60 12.58 12.60
CA PHE A 173 5.69 12.21 14.00
C PHE A 173 5.29 10.76 14.22
N ILE A 174 5.75 10.21 15.35
CA ILE A 174 5.39 8.85 15.73
C ILE A 174 4.48 8.89 16.97
N ASP A 175 3.26 8.39 16.81
CA ASP A 175 2.26 8.36 17.88
C ASP A 175 2.57 7.20 18.82
N THR A 176 3.20 7.50 19.95
CA THR A 176 3.63 6.44 20.85
C THR A 176 2.46 5.79 21.59
N THR A 177 1.24 6.29 21.40
CA THR A 177 0.05 5.67 21.99
C THR A 177 -0.61 4.66 21.04
N ALA A 178 -0.07 4.54 19.83
CA ALA A 178 -0.72 3.77 18.78
C ALA A 178 -0.21 2.33 18.69
N TYR A 179 0.76 1.99 19.52
CA TYR A 179 1.33 0.64 19.47
C TYR A 179 1.71 0.16 20.87
N THR A 180 1.98 -1.13 20.98
CA THR A 180 2.38 -1.72 22.25
C THR A 180 3.83 -2.16 22.15
N GLY A 181 4.51 -2.24 23.28
CA GLY A 181 5.91 -2.64 23.27
C GLY A 181 6.76 -1.62 22.55
N SER A 182 7.85 -2.07 21.95
CA SER A 182 8.78 -1.16 21.28
CA SER A 182 8.79 -1.17 21.28
C SER A 182 8.74 -1.33 19.77
N ILE A 183 9.32 -0.38 19.06
CA ILE A 183 9.42 -0.44 17.61
C ILE A 183 10.77 -1.05 17.25
N THR A 184 10.75 -2.08 16.41
CA THR A 184 12.00 -2.65 15.92
C THR A 184 12.31 -2.13 14.54
N TYR A 185 13.44 -1.44 14.40
CA TYR A 185 13.83 -0.88 13.10
C TYR A 185 14.77 -1.82 12.34
N THR A 186 14.65 -1.80 11.02
CA THR A 186 15.39 -2.73 10.20
C THR A 186 15.86 -1.99 8.95
N ALA A 187 16.99 -2.43 8.39
CA ALA A 187 17.62 -1.71 7.29
C ALA A 187 16.78 -1.75 6.00
N VAL A 188 16.87 -0.67 5.24
CA VAL A 188 16.15 -0.55 3.98
C VAL A 188 17.13 -0.38 2.81
N SER A 189 16.85 -1.08 1.72
CA SER A 189 17.56 -0.84 0.47
C SER A 189 16.67 -0.06 -0.47
N THR A 190 17.20 1.02 -1.03
CA THR A 190 16.45 1.85 -1.95
C THR A 190 16.84 1.55 -3.40
N LYS A 191 17.62 0.49 -3.59
CA LYS A 191 18.20 0.21 -4.90
C LYS A 191 17.18 -0.06 -6.01
N GLN A 192 15.99 -0.55 -5.65
CA GLN A 192 14.93 -0.74 -6.63
C GLN A 192 13.83 0.31 -6.48
N GLY A 193 14.05 1.29 -5.60
CA GLY A 193 13.12 2.38 -5.40
C GLY A 193 11.99 2.06 -4.43
N PHE A 194 12.04 0.87 -3.82
CA PHE A 194 11.00 0.46 -2.86
C PHE A 194 11.48 0.56 -1.42
N TRP A 195 10.53 0.45 -0.48
CA TRP A 195 10.86 0.24 0.93
C TRP A 195 11.19 -1.25 1.09
N GLU A 196 12.39 -1.62 0.67
CA GLU A 196 12.82 -3.01 0.60
C GLU A 196 13.63 -3.39 1.82
N TRP A 197 13.29 -4.52 2.45
CA TRP A 197 13.90 -4.93 3.70
C TRP A 197 14.01 -6.45 3.75
N THR A 198 14.63 -6.99 4.79
CA THR A 198 14.79 -8.44 4.90
C THR A 198 14.20 -8.96 6.20
N SER A 199 13.13 -9.72 6.10
CA SER A 199 12.55 -10.39 7.26
C SER A 199 13.48 -11.51 7.72
N THR A 200 13.49 -11.78 9.01
CA THR A 200 14.40 -12.76 9.60
C THR A 200 13.79 -14.17 9.69
N GLY A 201 12.55 -14.31 9.26
CA GLY A 201 11.96 -15.63 9.19
C GLY A 201 10.46 -15.68 9.43
N TYR A 202 9.95 -16.87 9.71
CA TYR A 202 8.51 -17.03 9.89
C TYR A 202 8.12 -18.21 10.77
N ALA A 203 6.87 -18.19 11.24
CA ALA A 203 6.26 -19.36 11.85
C ALA A 203 4.82 -19.49 11.39
N VAL A 204 4.33 -20.73 11.37
CA VAL A 204 2.94 -21.01 11.03
C VAL A 204 2.20 -21.43 12.30
N GLY A 205 1.16 -20.70 12.66
CA GLY A 205 0.40 -20.99 13.88
C GLY A 205 1.31 -21.05 15.09
N SER A 206 1.17 -22.11 15.87
CA SER A 206 1.97 -22.27 17.08
C SER A 206 3.26 -23.04 16.80
N GLY A 207 3.62 -23.16 15.53
CA GLY A 207 4.80 -23.90 15.13
C GLY A 207 6.10 -23.21 15.49
N THR A 208 7.21 -23.94 15.38
CA THR A 208 8.52 -23.37 15.68
C THR A 208 8.91 -22.33 14.64
N PHE A 209 9.63 -21.31 15.08
CA PHE A 209 10.06 -20.26 14.18
C PHE A 209 11.19 -20.74 13.27
N LYS A 210 11.04 -20.50 11.96
CA LYS A 210 12.07 -20.84 10.98
C LYS A 210 12.92 -19.61 10.68
N SER A 211 14.19 -19.64 11.06
CA SER A 211 15.09 -18.54 10.75
C SER A 211 15.55 -18.62 9.30
N THR A 212 15.16 -17.62 8.52
CA THR A 212 15.51 -17.58 7.11
C THR A 212 15.30 -16.17 6.58
N SER A 213 16.20 -15.72 5.72
CA SER A 213 16.13 -14.36 5.21
C SER A 213 15.10 -14.26 4.09
N ILE A 214 14.16 -13.34 4.23
CA ILE A 214 13.16 -13.11 3.20
C ILE A 214 13.15 -11.65 2.78
N ASP A 215 13.72 -11.38 1.61
CA ASP A 215 13.76 -10.02 1.06
CA ASP A 215 13.76 -10.02 1.09
C ASP A 215 12.41 -9.65 0.48
N GLY A 216 11.89 -8.48 0.83
CA GLY A 216 10.62 -8.08 0.27
C GLY A 216 10.37 -6.61 0.47
N ILE A 217 9.23 -6.14 -0.01
CA ILE A 217 8.91 -4.72 0.12
C ILE A 217 7.67 -4.48 0.98
N ALA A 218 7.67 -3.35 1.69
CA ALA A 218 6.51 -2.97 2.48
C ALA A 218 5.62 -2.16 1.56
N ASP A 219 4.47 -2.71 1.20
CA ASP A 219 3.64 -2.14 0.13
C ASP A 219 2.18 -1.96 0.56
N THR A 220 1.81 -0.75 0.96
CA THR A 220 0.44 -0.52 1.41
C THR A 220 -0.56 -0.63 0.27
N GLY A 221 -0.07 -0.53 -0.96
CA GLY A 221 -0.92 -0.57 -2.14
C GLY A 221 -1.22 -1.97 -2.65
N THR A 222 -0.66 -2.99 -1.99
CA THR A 222 -0.94 -4.38 -2.33
C THR A 222 -1.77 -4.99 -1.21
N THR A 223 -2.83 -5.70 -1.58
CA THR A 223 -3.78 -6.21 -0.61
C THR A 223 -3.22 -7.36 0.21
N LEU A 224 -2.57 -8.29 -0.47
CA LEU A 224 -2.21 -9.55 0.18
C LEU A 224 -0.74 -9.66 0.52
N LEU A 225 -0.39 -10.77 1.15
CA LEU A 225 0.99 -11.08 1.52
C LEU A 225 1.54 -12.11 0.53
N TYR A 226 2.57 -11.71 -0.22
CA TYR A 226 3.18 -12.58 -1.24
C TYR A 226 4.56 -13.01 -0.82
N LEU A 227 4.74 -14.33 -0.67
CA LEU A 227 5.97 -14.89 -0.10
C LEU A 227 6.45 -16.07 -0.96
N PRO A 228 7.69 -16.53 -0.73
CA PRO A 228 8.17 -17.66 -1.55
C PRO A 228 7.28 -18.90 -1.44
N ALA A 229 7.22 -19.68 -2.52
CA ALA A 229 6.30 -20.81 -2.60
C ALA A 229 6.52 -21.83 -1.48
N THR A 230 7.77 -22.00 -1.06
CA THR A 230 8.07 -22.87 0.09
C THR A 230 7.34 -22.44 1.36
N VAL A 231 7.40 -21.14 1.64
CA VAL A 231 6.78 -20.57 2.83
C VAL A 231 5.27 -20.70 2.73
N VAL A 232 4.74 -20.38 1.55
CA VAL A 232 3.28 -20.36 1.37
C VAL A 232 2.72 -21.79 1.42
N SER A 233 3.46 -22.76 0.86
CA SER A 233 3.05 -24.15 0.96
C SER A 233 3.04 -24.65 2.42
N ALA A 234 4.05 -24.25 3.18
CA ALA A 234 4.09 -24.64 4.59
C ALA A 234 2.90 -24.08 5.37
N TYR A 235 2.46 -22.88 5.04
CA TYR A 235 1.30 -22.29 5.71
C TYR A 235 0.03 -23.07 5.36
N TRP A 236 -0.26 -23.19 4.07
CA TRP A 236 -1.54 -23.77 3.66
C TRP A 236 -1.62 -25.26 3.95
N ALA A 237 -0.48 -25.93 4.11
CA ALA A 237 -0.48 -27.34 4.51
C ALA A 237 -1.12 -27.55 5.88
N GLN A 238 -1.26 -26.48 6.66
CA GLN A 238 -1.88 -26.59 7.98
C GLN A 238 -3.37 -26.33 7.95
N VAL A 239 -3.94 -26.18 6.75
CA VAL A 239 -5.37 -25.94 6.59
C VAL A 239 -5.98 -27.07 5.78
N SER A 240 -6.81 -27.89 6.43
CA SER A 240 -7.43 -29.04 5.76
CA SER A 240 -7.41 -29.03 5.76
C SER A 240 -8.20 -28.61 4.52
N GLY A 241 -7.86 -29.21 3.38
CA GLY A 241 -8.57 -28.93 2.15
C GLY A 241 -8.08 -27.74 1.35
N ALA A 242 -7.10 -27.01 1.87
CA ALA A 242 -6.54 -25.89 1.13
C ALA A 242 -5.75 -26.38 -0.07
N LYS A 243 -5.80 -25.63 -1.17
CA LYS A 243 -5.08 -26.03 -2.37
C LYS A 243 -4.83 -24.83 -3.26
N SER A 244 -3.82 -24.93 -4.13
CA SER A 244 -3.59 -23.89 -5.12
C SER A 244 -4.41 -24.17 -6.37
N SER A 245 -5.20 -23.20 -6.80
CA SER A 245 -6.05 -23.36 -7.96
C SER A 245 -5.59 -22.44 -9.09
N SER A 246 -5.17 -23.02 -10.21
CA SER A 246 -4.75 -22.19 -11.33
C SER A 246 -5.96 -21.48 -11.95
N SER A 247 -7.13 -22.11 -11.86
CA SER A 247 -8.33 -21.50 -12.40
C SER A 247 -8.73 -20.26 -11.61
N VAL A 248 -8.55 -20.31 -10.29
CA VAL A 248 -8.87 -19.15 -9.46
C VAL A 248 -7.71 -18.15 -9.42
N GLY A 249 -6.48 -18.66 -9.47
CA GLY A 249 -5.31 -17.80 -9.48
C GLY A 249 -4.61 -17.70 -8.14
N GLY A 250 -4.66 -18.78 -7.37
CA GLY A 250 -3.95 -18.82 -6.10
C GLY A 250 -4.55 -19.83 -5.13
N TYR A 251 -4.04 -19.81 -3.90
CA TYR A 251 -4.54 -20.69 -2.86
C TYR A 251 -5.96 -20.33 -2.44
N VAL A 252 -6.79 -21.36 -2.37
CA VAL A 252 -8.14 -21.27 -1.83
C VAL A 252 -8.26 -22.27 -0.69
N PHE A 253 -9.26 -22.08 0.16
CA PHE A 253 -9.45 -22.96 1.30
C PHE A 253 -10.93 -23.07 1.62
N PRO A 254 -11.34 -24.15 2.29
CA PRO A 254 -12.76 -24.30 2.60
C PRO A 254 -13.23 -23.17 3.51
N CYS A 255 -14.35 -22.54 3.19
CA CYS A 255 -14.83 -21.44 4.03
C CYS A 255 -15.18 -21.90 5.45
N SER A 256 -15.24 -23.22 5.67
CA SER A 256 -15.50 -23.77 7.00
C SER A 256 -14.26 -23.82 7.89
N ALA A 257 -13.11 -23.46 7.35
CA ALA A 257 -11.84 -23.61 8.07
C ALA A 257 -11.64 -22.54 9.14
N THR A 258 -10.85 -22.91 10.17
CA THR A 258 -10.27 -21.94 11.08
C THR A 258 -8.82 -21.77 10.69
N LEU A 259 -8.44 -20.57 10.27
CA LEU A 259 -7.07 -20.34 9.79
C LEU A 259 -6.09 -20.16 10.94
N PRO A 260 -4.89 -20.75 10.80
CA PRO A 260 -3.82 -20.49 11.76
C PRO A 260 -3.19 -19.11 11.56
N SER A 261 -2.56 -18.60 12.61
CA SER A 261 -1.85 -17.34 12.49
C SER A 261 -0.60 -17.51 11.65
N PHE A 262 0.02 -16.39 11.28
CA PHE A 262 1.30 -16.41 10.59
C PHE A 262 2.19 -15.36 11.22
N THR A 263 3.38 -15.77 11.61
CA THR A 263 4.34 -14.88 12.25
C THR A 263 5.49 -14.54 11.31
N PHE A 264 5.84 -13.26 11.17
CA PHE A 264 7.08 -12.92 10.46
C PHE A 264 8.06 -12.19 11.37
N GLY A 265 9.35 -12.40 11.07
CA GLY A 265 10.41 -11.83 11.87
C GLY A 265 10.85 -10.45 11.42
N VAL A 266 11.10 -9.57 12.39
CA VAL A 266 11.71 -8.28 12.15
C VAL A 266 12.88 -8.19 13.11
N GLY A 267 14.10 -8.41 12.62
CA GLY A 267 15.22 -8.57 13.54
C GLY A 267 14.88 -9.69 14.50
N SER A 268 15.11 -9.45 15.79
CA SER A 268 14.78 -10.45 16.81
C SER A 268 13.31 -10.39 17.25
N ALA A 269 12.56 -9.44 16.70
CA ALA A 269 11.16 -9.26 17.07
C ALA A 269 10.23 -10.07 16.17
N ARG A 270 8.98 -10.21 16.60
CA ARG A 270 8.01 -11.02 15.86
C ARG A 270 6.70 -10.26 15.71
N ILE A 271 6.15 -10.27 14.49
CA ILE A 271 4.83 -9.72 14.25
C ILE A 271 3.88 -10.87 13.94
N VAL A 272 2.78 -10.97 14.70
CA VAL A 272 1.82 -12.06 14.50
C VAL A 272 0.59 -11.58 13.74
N ILE A 273 0.36 -12.19 12.58
CA ILE A 273 -0.84 -11.96 11.79
C ILE A 273 -1.91 -12.96 12.21
N PRO A 274 -3.01 -12.50 12.84
CA PRO A 274 -4.06 -13.45 13.25
C PRO A 274 -4.65 -14.16 12.05
N GLY A 275 -5.11 -15.39 12.26
CA GLY A 275 -5.68 -16.17 11.19
C GLY A 275 -6.79 -15.49 10.43
N ASP A 276 -7.69 -14.77 11.11
CA ASP A 276 -8.81 -14.12 10.45
CA ASP A 276 -8.80 -14.21 10.36
C ASP A 276 -8.35 -13.09 9.42
N TYR A 277 -7.16 -12.52 9.62
CA TYR A 277 -6.64 -11.53 8.69
C TYR A 277 -6.33 -12.16 7.32
N ILE A 278 -6.21 -13.48 7.28
CA ILE A 278 -5.76 -14.19 6.09
C ILE A 278 -6.97 -14.70 5.28
N ASP A 279 -8.17 -14.40 5.78
CA ASP A 279 -9.41 -14.81 5.11
C ASP A 279 -9.93 -13.69 4.21
N PHE A 280 -9.98 -13.93 2.91
CA PHE A 280 -10.53 -12.92 1.99
C PHE A 280 -11.84 -13.36 1.34
N GLY A 281 -12.50 -14.31 1.97
CA GLY A 281 -13.90 -14.54 1.70
C GLY A 281 -14.15 -15.41 0.49
N PRO A 282 -15.41 -15.72 0.24
CA PRO A 282 -15.79 -16.56 -0.90
C PRO A 282 -15.23 -16.05 -2.23
N ILE A 283 -14.71 -16.97 -3.04
CA ILE A 283 -14.08 -16.58 -4.30
C ILE A 283 -15.11 -15.91 -5.23
N SER A 284 -16.36 -16.33 -5.07
CA SER A 284 -17.50 -15.70 -5.73
C SER A 284 -18.64 -15.73 -4.72
N THR A 285 -19.62 -14.85 -4.88
CA THR A 285 -20.70 -14.76 -3.90
C THR A 285 -21.36 -16.12 -3.68
N GLY A 286 -21.44 -16.53 -2.41
CA GLY A 286 -22.09 -17.78 -2.07
C GLY A 286 -21.23 -19.02 -2.14
N SER A 287 -20.01 -18.87 -2.66
CA SER A 287 -19.11 -20.01 -2.78
C SER A 287 -18.66 -20.55 -1.44
N SER A 288 -18.47 -21.86 -1.38
CA SER A 288 -17.90 -22.50 -0.20
C SER A 288 -16.37 -22.51 -0.24
N SER A 289 -15.79 -21.97 -1.30
CA SER A 289 -14.34 -21.82 -1.38
CA SER A 289 -14.34 -21.83 -1.40
C SER A 289 -13.94 -20.38 -1.13
N CYS A 290 -12.97 -20.19 -0.24
CA CYS A 290 -12.55 -18.85 0.17
C CYS A 290 -11.14 -18.55 -0.33
N PHE A 291 -10.87 -17.28 -0.61
CA PHE A 291 -9.55 -16.92 -1.13
C PHE A 291 -8.57 -16.59 -0.02
N GLY A 292 -7.37 -17.16 -0.12
CA GLY A 292 -6.37 -16.95 0.90
C GLY A 292 -5.62 -15.64 0.80
N GLY A 293 -5.26 -15.12 1.97
CA GLY A 293 -4.56 -13.84 2.07
C GLY A 293 -3.05 -13.94 2.03
N ILE A 294 -2.55 -15.18 1.99
CA ILE A 294 -1.12 -15.43 1.79
C ILE A 294 -0.98 -16.19 0.49
N GLN A 295 -0.19 -15.65 -0.45
CA GLN A 295 -0.08 -16.21 -1.78
C GLN A 295 1.37 -16.26 -2.20
N SER A 296 1.66 -17.06 -3.22
CA SER A 296 3.02 -17.21 -3.70
C SER A 296 3.47 -16.00 -4.50
N SER A 297 4.71 -15.57 -4.25
CA SER A 297 5.32 -14.49 -5.01
C SER A 297 6.04 -15.00 -6.26
N ALA A 298 5.98 -16.31 -6.51
N ALA A 298 6.01 -16.31 -6.48
CA ALA A 298 6.82 -16.94 -7.53
CA ALA A 298 6.67 -16.88 -7.65
C ALA A 298 6.71 -16.30 -8.92
C ALA A 298 6.02 -16.33 -8.91
N GLY A 299 5.54 -15.78 -9.26
N GLY A 299 6.82 -15.69 -9.75
CA GLY A 299 5.31 -15.20 -10.57
CA GLY A 299 6.30 -15.11 -10.96
C GLY A 299 5.36 -13.69 -10.61
C GLY A 299 6.16 -13.59 -10.85
N ILE A 300 6.03 -13.09 -9.64
CA ILE A 300 6.05 -11.64 -9.46
CA ILE A 300 6.05 -11.64 -9.41
C ILE A 300 7.47 -11.10 -9.52
N GLY A 301 8.42 -11.87 -8.98
CA GLY A 301 9.82 -11.48 -9.02
C GLY A 301 10.26 -10.83 -7.74
N ILE A 302 9.32 -10.59 -6.84
N ILE A 302 9.32 -10.58 -6.84
CA ILE A 302 9.65 -9.94 -5.58
CA ILE A 302 9.63 -9.94 -5.58
C ILE A 302 8.63 -10.34 -4.51
C ILE A 302 8.63 -10.39 -4.51
N ASN A 303 9.08 -10.47 -3.27
CA ASN A 303 8.16 -10.73 -2.15
C ASN A 303 7.51 -9.43 -1.72
N ILE A 304 6.23 -9.49 -1.37
CA ILE A 304 5.49 -8.27 -1.04
C ILE A 304 4.77 -8.39 0.30
N PHE A 305 5.23 -7.61 1.28
CA PHE A 305 4.50 -7.46 2.53
C PHE A 305 3.40 -6.42 2.35
N GLY A 306 2.24 -6.88 1.89
CA GLY A 306 1.11 -6.02 1.62
C GLY A 306 0.26 -5.86 2.85
N ASP A 307 -0.98 -5.43 2.62
CA ASP A 307 -1.84 -5.03 3.73
C ASP A 307 -2.07 -6.13 4.77
N VAL A 308 -2.17 -7.38 4.33
CA VAL A 308 -2.38 -8.50 5.24
C VAL A 308 -1.30 -8.53 6.33
N ALA A 309 -0.06 -8.28 5.93
CA ALA A 309 1.05 -8.19 6.88
C ALA A 309 1.05 -6.86 7.61
N LEU A 310 0.97 -5.76 6.87
CA LEU A 310 1.16 -4.46 7.47
C LEU A 310 0.06 -4.10 8.49
N LYS A 311 -1.17 -4.56 8.28
CA LYS A 311 -2.22 -4.13 9.21
CA LYS A 311 -2.27 -4.18 9.19
C LYS A 311 -2.14 -4.84 10.55
N ALA A 312 -1.24 -5.83 10.65
CA ALA A 312 -0.97 -6.47 11.93
C ALA A 312 0.05 -5.67 12.74
N ALA A 313 0.53 -4.57 12.19
CA ALA A 313 1.60 -3.81 12.81
C ALA A 313 1.37 -2.31 12.75
N PHE A 314 2.11 -1.60 13.60
CA PHE A 314 2.31 -0.17 13.46
C PHE A 314 3.62 -0.04 12.70
N VAL A 315 3.59 0.58 11.52
CA VAL A 315 4.75 0.57 10.64
C VAL A 315 5.29 1.98 10.42
N VAL A 316 6.59 2.14 10.66
CA VAL A 316 7.27 3.42 10.50
C VAL A 316 8.11 3.43 9.22
N PHE A 317 7.81 4.37 8.33
CA PHE A 317 8.62 4.56 7.14
C PHE A 317 9.54 5.74 7.41
N ASN A 318 10.79 5.44 7.74
CA ASN A 318 11.75 6.45 8.15
C ASN A 318 12.55 6.93 6.95
N GLY A 319 12.30 8.18 6.57
CA GLY A 319 12.89 8.75 5.37
C GLY A 319 14.10 9.64 5.65
N ALA A 320 14.80 9.33 6.74
CA ALA A 320 16.09 9.96 7.00
C ALA A 320 17.10 9.66 5.88
N THR A 321 18.26 10.32 5.92
CA THR A 321 19.27 10.15 4.89
C THR A 321 19.59 8.68 4.63
N THR A 322 19.65 7.90 5.71
CA THR A 322 19.70 6.44 5.62
C THR A 322 18.35 5.91 6.03
N PRO A 323 17.49 5.58 5.05
CA PRO A 323 16.13 5.16 5.37
CA PRO A 323 16.13 5.16 5.37
C PRO A 323 16.07 3.81 6.10
N THR A 324 15.09 3.67 6.99
CA THR A 324 14.84 2.41 7.67
C THR A 324 13.35 2.19 7.80
N LEU A 325 12.99 0.99 8.21
CA LEU A 325 11.60 0.61 8.44
CA LEU A 325 11.61 0.61 8.42
C LEU A 325 11.42 0.12 9.86
N GLY A 326 10.36 0.57 10.52
CA GLY A 326 10.09 0.13 11.88
C GLY A 326 8.77 -0.62 11.98
N PHE A 327 8.76 -1.67 12.79
CA PHE A 327 7.56 -2.46 13.05
C PHE A 327 7.32 -2.59 14.56
N ALA A 328 6.10 -2.30 14.99
CA ALA A 328 5.68 -2.61 16.35
C ALA A 328 4.37 -3.38 16.33
N SER A 329 4.17 -4.22 17.35
CA SER A 329 2.86 -4.83 17.57
C SER A 329 1.89 -3.76 18.07
N LYS A 330 0.60 -4.05 17.99
CA LYS A 330 -0.39 -3.08 18.42
C LYS A 330 -1.66 -3.79 18.91
C1 GOL B . -3.04 -8.20 15.90
O1 GOL B . -3.43 -8.52 17.22
C2 GOL B . -1.51 -8.18 15.83
O2 GOL B . -0.98 -9.41 16.27
C3 GOL B . -1.01 -7.05 16.71
O3 GOL B . 0.36 -6.82 16.47
C1 GOL C . -17.83 3.37 10.69
O1 GOL C . -17.36 3.13 11.99
C2 GOL C . -16.60 3.63 9.84
O2 GOL C . -16.10 4.92 10.12
C3 GOL C . -16.97 3.57 8.38
O3 GOL C . -15.86 4.07 7.66
C1 GOL D . 6.15 -23.83 11.22
O1 GOL D . 6.23 -22.83 12.19
C2 GOL D . 6.89 -23.38 9.98
O2 GOL D . 6.95 -24.44 9.05
C3 GOL D . 8.31 -22.97 10.34
O3 GOL D . 9.06 -24.10 10.70
C ACT E . -15.80 -16.40 5.04
O ACT E . -15.21 -17.27 5.74
OXT ACT E . -16.86 -16.77 4.48
CH3 ACT E . -15.28 -15.01 4.88
C4 D8D F . -4.10 25.98 -15.05
C5 D8D F . -3.88 25.30 -16.41
C6 D8D F . -5.19 24.99 -17.08
N1 D8D F . -4.16 28.68 -13.53
C7 D8D F . -6.31 24.90 -16.08
C8 D8D F . -6.55 26.24 -15.40
C9 D8D F . -4.16 29.39 -12.19
C10 D8D F . -3.39 30.63 -12.40
C11 D8D F . -3.80 31.04 -13.79
C12 D8D F . -3.89 29.74 -14.58
C13 D8D F . -2.51 29.32 -15.18
O2 D8D F . -2.22 29.97 -16.21
O1 D8D F . -1.81 28.43 -14.65
C2 D8D F . -5.35 27.76 -13.74
C1 D8D F . -6.64 28.58 -13.65
O D8D F . -6.91 29.42 -14.51
N D8D F . -7.42 28.32 -12.61
C D8D F . -8.66 29.04 -12.39
C3 D8D F . -5.24 26.97 -15.09
#